data_8GPC
#
_entry.id   8GPC
#
_cell.length_a   39.260
_cell.length_b   79.110
_cell.length_c   134.350
_cell.angle_alpha   90.000
_cell.angle_beta   90.000
_cell.angle_gamma   90.000
#
_symmetry.space_group_name_H-M   'P 21 21 21'
#
loop_
_entity.id
_entity.type
_entity.pdbx_description
1 polymer 'Metallo beta lactamase NDM-1'
2 non-polymer 'ZINC ION'
3 non-polymer '(2R,4S)-2-[(R)-{[(2R)-2-amino-2-phenylacetyl]amino}(carboxy)methyl]-5,5-dimethyl-1,3-thiazolidine-4-carboxylic acid'
4 non-polymer 'SODIUM ION'
5 water water
#
_entity_poly.entity_id   1
_entity_poly.type   'polypeptide(L)'
_entity_poly.pdbx_seq_one_letter_code
;MELPNIMHPVAKLSTALAAALMLSGCMPGEIRPTIGQQMETGDQRFGDLVFRQLAPNVWQHTSYLDMPGFGAVASNGLIV
RDGGRVLVVDTAWTDDQTAQILNWIKQEINLPVALAVVTHAHQDKMGGMDALHAAGIATYANALSNQLAPQEGMVAAQHS
LTFAANGWVEPATAPNFGPLKVFYPGPGHTSDNITVGIDGTDIAFGGCLIKDSKAKSLGNLGDADTEHYAASARAFGAAF
PKASMIVMSHSAPDSRAAITHTARMADKLR
;
_entity_poly.pdbx_strand_id   A,B
#
loop_
_chem_comp.id
_chem_comp.type
_chem_comp.name
_chem_comp.formula
NA non-polymer 'SODIUM ION' 'Na 1'
ZN non-polymer 'ZINC ION' 'Zn 2'
ZZ7 non-polymer '(2R,4S)-2-[(R)-{[(2R)-2-amino-2-phenylacetyl]amino}(carboxy)methyl]-5,5-dimethyl-1,3-thiazolidine-4-carboxylic acid' 'C16 H21 N3 O5 S'
#
# COMPACT_ATOMS: atom_id res chain seq x y z
N ILE A 31 14.38 2.71 8.07
CA ILE A 31 13.12 3.11 7.46
C ILE A 31 12.35 1.85 7.08
N ARG A 32 11.07 1.76 7.48
CA ARG A 32 10.23 0.58 7.22
C ARG A 32 8.98 1.02 6.48
N PRO A 33 9.02 1.10 5.16
CA PRO A 33 7.89 1.68 4.43
C PRO A 33 6.60 0.87 4.55
N THR A 34 5.49 1.62 4.58
CA THR A 34 4.16 1.02 4.44
C THR A 34 3.96 0.48 3.03
N ILE A 35 4.48 1.19 2.02
CA ILE A 35 4.40 0.76 0.62
C ILE A 35 5.83 0.89 0.07
N GLY A 36 6.27 -0.14 -0.64
CA GLY A 36 7.63 -0.19 -1.16
C GLY A 36 8.47 -1.20 -0.41
N GLN A 37 9.60 -1.57 -1.01
CA GLN A 37 10.43 -2.64 -0.46
C GLN A 37 11.13 -2.20 0.82
N GLN A 38 11.36 -3.17 1.70
CA GLN A 38 12.08 -2.93 2.94
C GLN A 38 13.59 -2.94 2.68
N MET A 39 14.33 -2.55 3.69
CA MET A 39 15.79 -2.53 3.60
C MET A 39 16.32 -3.95 3.73
N GLU A 40 17.31 -4.27 2.90
CA GLU A 40 17.89 -5.60 2.88
C GLU A 40 19.40 -5.47 2.76
N THR A 41 20.09 -6.60 2.87
CA THR A 41 21.53 -6.63 2.70
C THR A 41 21.89 -6.09 1.32
N GLY A 42 22.95 -5.28 1.26
CA GLY A 42 23.31 -4.59 0.04
C GLY A 42 22.77 -3.17 -0.09
N ASP A 43 22.04 -2.68 0.90
CA ASP A 43 21.49 -1.33 0.87
C ASP A 43 22.37 -0.40 1.71
N GLN A 44 22.69 0.77 1.17
CA GLN A 44 23.47 1.79 1.86
C GLN A 44 22.55 2.96 2.19
N ARG A 45 22.49 3.34 3.47
CA ARG A 45 21.70 4.49 3.87
C ARG A 45 22.60 5.72 3.74
N PHE A 46 22.09 6.78 3.11
CA PHE A 46 22.82 8.04 2.97
C PHE A 46 21.77 9.11 3.23
N GLY A 47 21.89 9.80 4.36
CA GLY A 47 20.87 10.79 4.69
C GLY A 47 19.52 10.11 4.84
N ASP A 48 18.52 10.63 4.15
CA ASP A 48 17.17 10.06 4.20
C ASP A 48 16.90 9.10 3.07
N LEU A 49 17.93 8.72 2.32
CA LEU A 49 17.82 7.89 1.13
C LEU A 49 18.53 6.55 1.30
N VAL A 50 18.24 5.63 0.40
CA VAL A 50 18.89 4.34 0.35
C VAL A 50 19.37 4.11 -1.07
N PHE A 51 20.58 3.57 -1.21
CA PHE A 51 21.16 3.27 -2.51
C PHE A 51 21.58 1.80 -2.56
N ARG A 52 21.42 1.19 -3.73
CA ARG A 52 21.80 -0.19 -3.93
C ARG A 52 22.49 -0.33 -5.27
N GLN A 53 23.66 -0.94 -5.30
CA GLN A 53 24.34 -1.14 -6.57
C GLN A 53 23.77 -2.36 -7.29
N LEU A 54 23.30 -2.17 -8.53
CA LEU A 54 22.73 -3.26 -9.31
C LEU A 54 23.68 -3.87 -10.32
N ALA A 55 24.64 -3.09 -10.82
CA ALA A 55 25.60 -3.54 -11.82
C ALA A 55 26.81 -2.66 -11.64
N PRO A 56 27.94 -2.99 -12.29
CA PRO A 56 29.13 -2.17 -12.06
C PRO A 56 28.93 -0.67 -12.26
N ASN A 57 28.02 -0.26 -13.14
CA ASN A 57 27.82 1.17 -13.41
C ASN A 57 26.38 1.61 -13.19
N VAL A 58 25.59 0.85 -12.42
CA VAL A 58 24.19 1.18 -12.22
C VAL A 58 23.83 1.02 -10.76
N TRP A 59 23.14 2.02 -10.19
CA TRP A 59 22.63 1.98 -8.83
C TRP A 59 21.15 2.35 -8.83
N GLN A 60 20.41 1.85 -7.85
CA GLN A 60 19.01 2.23 -7.63
C GLN A 60 18.98 3.21 -6.47
N HIS A 61 18.31 4.35 -6.66
CA HIS A 61 18.06 5.32 -5.59
C HIS A 61 16.66 5.11 -5.03
N THR A 62 16.54 5.21 -3.70
CA THR A 62 15.24 5.08 -3.05
C THR A 62 15.02 6.23 -2.08
N SER A 63 13.86 6.86 -2.18
CA SER A 63 13.46 7.97 -1.31
C SER A 63 12.07 7.67 -0.77
N TYR A 64 11.70 8.37 0.30
CA TYR A 64 10.51 8.02 1.07
C TYR A 64 9.66 9.25 1.33
N LEU A 65 8.36 9.11 1.10
CA LEU A 65 7.42 10.18 1.39
C LEU A 65 6.62 9.75 2.61
N ASP A 66 6.77 10.49 3.71
CA ASP A 66 6.14 10.13 4.98
C ASP A 66 4.74 10.72 4.98
N MET A 67 3.73 9.88 4.97
CA MET A 67 2.37 10.34 4.86
C MET A 67 1.71 10.35 6.22
N PRO A 68 1.24 11.50 6.70
CA PRO A 68 0.65 11.57 8.05
C PRO A 68 -0.49 10.58 8.19
N GLY A 69 -0.40 9.73 9.20
CA GLY A 69 -1.42 8.74 9.50
C GLY A 69 -1.29 7.43 8.76
N PHE A 70 -0.31 7.30 7.90
CA PHE A 70 -0.16 6.14 7.03
C PHE A 70 1.24 5.56 7.02
N GLY A 71 2.26 6.41 7.12
CA GLY A 71 3.65 5.96 7.09
C GLY A 71 4.32 6.27 5.77
N ALA A 72 5.45 5.63 5.55
CA ALA A 72 6.32 6.00 4.44
C ALA A 72 6.02 5.21 3.18
N VAL A 73 6.13 5.90 2.03
CA VAL A 73 6.00 5.30 0.71
C VAL A 73 7.35 5.44 0.03
N ALA A 74 7.96 4.31 -0.33
CA ALA A 74 9.25 4.29 -1.01
C ALA A 74 9.05 4.43 -2.50
N SER A 75 9.97 5.14 -3.16
CA SER A 75 10.02 5.22 -4.62
C SER A 75 11.45 5.05 -5.11
N ASN A 76 11.62 4.29 -6.18
CA ASN A 76 12.93 3.95 -6.74
C ASN A 76 13.16 4.62 -8.09
N GLY A 77 14.41 5.05 -8.31
CA GLY A 77 14.88 5.46 -9.63
C GLY A 77 16.28 4.89 -9.87
N LEU A 78 16.97 5.34 -10.91
CA LEU A 78 18.26 4.77 -11.28
C LEU A 78 19.30 5.87 -11.42
N ILE A 79 20.56 5.45 -11.23
CA ILE A 79 21.75 6.28 -11.44
C ILE A 79 22.68 5.44 -12.32
N VAL A 80 23.11 6.00 -13.45
CA VAL A 80 23.93 5.25 -14.41
C VAL A 80 25.21 6.04 -14.67
N ARG A 81 26.34 5.36 -14.54
CA ARG A 81 27.65 5.93 -14.91
C ARG A 81 27.99 5.47 -16.33
N ASP A 82 28.20 6.42 -17.24
CA ASP A 82 28.57 6.10 -18.63
C ASP A 82 29.50 7.19 -19.15
N GLY A 83 30.62 6.81 -19.75
CA GLY A 83 31.37 7.81 -20.50
C GLY A 83 31.79 9.03 -19.71
N GLY A 84 32.22 8.85 -18.45
CA GLY A 84 32.69 9.93 -17.60
C GLY A 84 31.62 10.80 -17.01
N ARG A 85 30.35 10.43 -17.15
CA ARG A 85 29.27 11.23 -16.61
C ARG A 85 28.24 10.33 -15.97
N VAL A 86 27.30 10.96 -15.29
CA VAL A 86 26.23 10.24 -14.63
C VAL A 86 24.92 10.68 -15.27
N LEU A 87 24.04 9.71 -15.47
CA LEU A 87 22.70 9.92 -15.99
C LEU A 87 21.73 9.45 -14.92
N VAL A 88 20.72 10.25 -14.64
CA VAL A 88 19.73 9.94 -13.59
C VAL A 88 18.40 9.60 -14.25
N VAL A 89 17.74 8.56 -13.74
CA VAL A 89 16.38 8.22 -14.15
C VAL A 89 15.48 8.43 -12.93
N ASP A 90 14.57 9.39 -13.05
CA ASP A 90 13.60 9.82 -12.05
C ASP A 90 14.19 10.67 -10.94
N THR A 91 13.45 11.68 -10.48
CA THR A 91 13.83 12.39 -9.26
C THR A 91 13.39 11.59 -8.02
N ALA A 92 13.70 12.13 -6.85
CA ALA A 92 13.08 11.66 -5.62
C ALA A 92 11.75 12.38 -5.45
N TRP A 93 11.05 12.14 -4.35
CA TRP A 93 9.76 12.79 -4.16
C TRP A 93 9.87 14.30 -4.01
N THR A 94 10.99 14.80 -3.45
CA THR A 94 11.14 16.21 -3.12
C THR A 94 12.46 16.77 -3.63
N ASP A 95 12.51 18.10 -3.67
CA ASP A 95 13.73 18.80 -4.06
C ASP A 95 14.85 18.48 -3.09
N ASP A 96 14.58 18.53 -1.78
CA ASP A 96 15.65 18.24 -0.82
C ASP A 96 16.17 16.81 -1.00
N GLN A 97 15.28 15.84 -1.19
CA GLN A 97 15.74 14.47 -1.39
C GLN A 97 16.55 14.34 -2.67
N THR A 98 16.15 15.08 -3.71
CA THR A 98 16.88 15.02 -4.97
C THR A 98 18.27 15.66 -4.82
N ALA A 99 18.37 16.75 -4.06
CA ALA A 99 19.68 17.31 -3.73
C ALA A 99 20.54 16.29 -3.00
N GLN A 100 19.91 15.44 -2.15
CA GLN A 100 20.71 14.45 -1.45
C GLN A 100 21.19 13.36 -2.42
N ILE A 101 20.38 13.02 -3.42
CA ILE A 101 20.87 12.14 -4.48
C ILE A 101 22.12 12.72 -5.13
N LEU A 102 22.06 14.01 -5.49
CA LEU A 102 23.21 14.63 -6.13
C LEU A 102 24.41 14.64 -5.22
N ASN A 103 24.19 14.79 -3.90
CA ASN A 103 25.31 14.75 -2.96
C ASN A 103 25.89 13.34 -2.83
N TRP A 104 25.04 12.32 -2.84
CA TRP A 104 25.54 10.96 -2.85
C TRP A 104 26.38 10.70 -4.10
N ILE A 105 25.90 11.17 -5.26
CA ILE A 105 26.68 11.00 -6.49
C ILE A 105 28.05 11.65 -6.34
N LYS A 106 28.08 12.87 -5.84
CA LYS A 106 29.36 13.55 -5.66
C LYS A 106 30.32 12.75 -4.79
N GLN A 107 29.81 12.19 -3.67
CA GLN A 107 30.68 11.48 -2.74
C GLN A 107 31.10 10.12 -3.28
N GLU A 108 30.16 9.37 -3.87
CA GLU A 108 30.46 8.00 -4.24
C GLU A 108 30.99 7.83 -5.66
N ILE A 109 30.62 8.72 -6.57
CA ILE A 109 31.00 8.59 -7.98
C ILE A 109 31.89 9.74 -8.42
N ASN A 110 31.59 10.96 -7.97
CA ASN A 110 32.40 12.13 -8.24
C ASN A 110 32.64 12.32 -9.75
N LEU A 111 31.55 12.38 -10.51
CA LEU A 111 31.53 12.71 -11.93
C LEU A 111 30.35 13.65 -12.20
N PRO A 112 30.44 14.47 -13.25
CA PRO A 112 29.33 15.38 -13.56
C PRO A 112 28.05 14.62 -13.89
N VAL A 113 26.92 15.16 -13.45
CA VAL A 113 25.61 14.60 -13.82
C VAL A 113 25.15 15.31 -15.10
N ALA A 114 25.16 14.58 -16.22
CA ALA A 114 24.91 15.20 -17.51
C ALA A 114 23.44 15.47 -17.76
N LEU A 115 22.56 14.57 -17.35
CA LEU A 115 21.16 14.71 -17.69
C LEU A 115 20.36 13.80 -16.79
N ALA A 116 19.08 14.10 -16.73
CA ALA A 116 18.10 13.23 -16.08
C ALA A 116 16.93 13.03 -17.03
N VAL A 117 16.37 11.82 -17.03
CA VAL A 117 15.12 11.52 -17.70
CA VAL A 117 15.13 11.49 -17.71
C VAL A 117 14.11 11.12 -16.64
N VAL A 118 12.91 11.68 -16.73
CA VAL A 118 11.88 11.40 -15.73
C VAL A 118 10.71 10.71 -16.42
N THR A 119 10.11 9.73 -15.73
CA THR A 119 9.33 8.74 -16.46
C THR A 119 7.83 8.99 -16.48
N HIS A 120 7.31 9.96 -15.73
CA HIS A 120 6.00 10.54 -15.98
C HIS A 120 5.75 11.66 -14.96
N ALA A 121 4.68 12.42 -15.19
CA ALA A 121 4.40 13.63 -14.39
C ALA A 121 3.59 13.27 -13.16
N HIS A 122 4.26 12.66 -12.17
CA HIS A 122 3.72 12.47 -10.81
C HIS A 122 4.85 12.71 -9.82
N GLN A 123 4.48 12.97 -8.57
CA GLN A 123 5.44 13.43 -7.57
C GLN A 123 6.59 12.46 -7.33
N ASP A 124 6.31 11.15 -7.33
CA ASP A 124 7.39 10.20 -7.06
C ASP A 124 8.47 10.23 -8.12
N LYS A 125 8.15 10.67 -9.35
CA LYS A 125 9.12 10.63 -10.44
C LYS A 125 9.65 12.01 -10.83
N MET A 126 8.88 13.07 -10.53
CA MET A 126 9.20 14.43 -10.96
C MET A 126 9.19 15.46 -9.84
N GLY A 127 9.02 15.05 -8.57
CA GLY A 127 8.90 16.01 -7.49
C GLY A 127 10.13 16.85 -7.23
N GLY A 128 11.30 16.42 -7.70
CA GLY A 128 12.52 17.17 -7.43
C GLY A 128 13.15 17.87 -8.63
N MET A 129 12.35 18.19 -9.64
CA MET A 129 12.87 18.87 -10.83
C MET A 129 13.63 20.15 -10.51
N ASP A 130 13.11 20.96 -9.58
CA ASP A 130 13.75 22.24 -9.28
C ASP A 130 15.19 22.02 -8.81
N ALA A 131 15.45 20.95 -8.05
CA ALA A 131 16.80 20.69 -7.55
C ALA A 131 17.74 20.29 -8.68
N LEU A 132 17.24 19.55 -9.68
CA LEU A 132 18.08 19.24 -10.84
C LEU A 132 18.41 20.52 -11.62
N HIS A 133 17.40 21.34 -11.86
CA HIS A 133 17.62 22.57 -12.62
C HIS A 133 18.58 23.50 -11.90
N ALA A 134 18.46 23.62 -10.57
CA ALA A 134 19.36 24.51 -9.83
C ALA A 134 20.80 24.05 -9.93
N ALA A 135 21.02 22.75 -10.10
CA ALA A 135 22.33 22.17 -10.21
C ALA A 135 22.87 22.20 -11.63
N GLY A 136 22.13 22.78 -12.57
CA GLY A 136 22.59 22.85 -13.94
C GLY A 136 22.43 21.58 -14.75
N ILE A 137 21.58 20.66 -14.32
CA ILE A 137 21.42 19.39 -15.01
C ILE A 137 20.32 19.50 -16.06
N ALA A 138 20.60 19.06 -17.29
CA ALA A 138 19.60 19.10 -18.34
C ALA A 138 18.57 17.99 -18.13
N THR A 139 17.30 18.33 -18.29
CA THR A 139 16.23 17.37 -17.97
C THR A 139 15.36 17.08 -19.18
N TYR A 140 14.92 15.83 -19.27
CA TYR A 140 14.15 15.32 -20.39
C TYR A 140 12.95 14.55 -19.88
N ALA A 141 11.82 14.73 -20.56
CA ALA A 141 10.61 13.97 -20.26
C ALA A 141 9.80 13.87 -21.53
N ASN A 142 8.91 12.87 -21.58
CA ASN A 142 7.94 12.81 -22.66
C ASN A 142 7.26 14.17 -22.81
N ALA A 143 7.10 14.65 -24.06
CA ALA A 143 6.38 15.90 -24.28
C ALA A 143 5.05 15.93 -23.54
N LEU A 144 4.33 14.80 -23.54
CA LEU A 144 3.05 14.78 -22.84
C LEU A 144 3.23 14.95 -21.32
N SER A 145 4.33 14.40 -20.75
CA SER A 145 4.63 14.65 -19.35
C SER A 145 4.82 16.14 -19.08
N ASN A 146 5.53 16.80 -19.98
CA ASN A 146 5.74 18.24 -19.80
C ASN A 146 4.43 19.02 -19.94
N GLN A 147 3.53 18.59 -20.83
CA GLN A 147 2.26 19.28 -20.98
C GLN A 147 1.35 19.04 -19.77
N LEU A 148 1.39 17.83 -19.21
CA LEU A 148 0.61 17.51 -18.02
C LEU A 148 1.23 18.05 -16.73
N ALA A 149 2.53 18.35 -16.73
CA ALA A 149 3.23 18.65 -15.48
C ALA A 149 2.54 19.71 -14.62
N PRO A 150 2.22 20.90 -15.12
CA PRO A 150 1.61 21.89 -14.23
C PRO A 150 0.29 21.41 -13.66
N GLN A 151 -0.51 20.71 -14.47
CA GLN A 151 -1.80 20.23 -14.02
C GLN A 151 -1.61 19.19 -12.92
N GLU A 152 -0.46 18.50 -12.92
CA GLU A 152 -0.11 17.50 -11.92
C GLU A 152 0.75 18.06 -10.79
N GLY A 153 0.95 19.39 -10.73
CA GLY A 153 1.73 19.97 -9.64
C GLY A 153 3.23 19.86 -9.80
N MET A 154 3.71 19.50 -10.99
CA MET A 154 5.12 19.29 -11.25
C MET A 154 5.70 20.42 -12.09
N VAL A 155 6.99 20.62 -11.92
CA VAL A 155 7.76 21.49 -12.81
C VAL A 155 8.13 20.68 -14.05
N ALA A 156 7.87 21.25 -15.24
CA ALA A 156 8.20 20.56 -16.48
C ALA A 156 9.71 20.38 -16.65
N ALA A 157 10.11 19.33 -17.35
CA ALA A 157 11.49 19.21 -17.78
C ALA A 157 11.83 20.28 -18.82
N GLN A 158 13.11 20.50 -19.02
CA GLN A 158 13.53 21.54 -19.96
C GLN A 158 13.36 21.12 -21.41
N HIS A 159 13.41 19.81 -21.68
CA HIS A 159 13.38 19.27 -23.03
C HIS A 159 12.33 18.18 -23.12
N SER A 160 11.72 18.07 -24.30
CA SER A 160 10.66 17.10 -24.55
C SER A 160 11.17 16.00 -25.48
N LEU A 161 10.95 14.76 -25.07
CA LEU A 161 11.14 13.57 -25.89
C LEU A 161 9.86 13.31 -26.67
N THR A 162 9.99 12.94 -27.94
CA THR A 162 8.87 12.43 -28.71
C THR A 162 9.17 11.02 -29.19
N PHE A 163 8.13 10.33 -29.66
CA PHE A 163 8.19 8.89 -29.87
C PHE A 163 7.58 8.52 -31.21
N ALA A 164 8.18 7.52 -31.86
CA ALA A 164 7.58 6.91 -33.03
C ALA A 164 6.31 6.13 -32.65
N ALA A 165 5.52 5.79 -33.67
CA ALA A 165 4.34 4.94 -33.48
C ALA A 165 4.71 3.59 -32.87
N ASN A 166 5.93 3.11 -33.07
CA ASN A 166 6.35 1.84 -32.47
C ASN A 166 6.84 2.00 -31.05
N GLY A 167 6.83 3.22 -30.49
CA GLY A 167 7.19 3.45 -29.10
C GLY A 167 8.61 3.92 -28.89
N TRP A 168 9.51 3.74 -29.86
CA TRP A 168 10.89 4.15 -29.60
C TRP A 168 11.08 5.66 -29.69
N VAL A 169 11.98 6.19 -28.86
CA VAL A 169 12.20 7.63 -28.83
C VAL A 169 12.73 8.09 -30.19
N GLU A 170 12.28 9.25 -30.62
CA GLU A 170 12.81 9.85 -31.85
C GLU A 170 14.24 10.31 -31.57
N PRO A 171 15.24 9.79 -32.28
CA PRO A 171 16.64 9.94 -31.82
C PRO A 171 17.10 11.38 -31.65
N ALA A 172 16.66 12.28 -32.52
CA ALA A 172 17.12 13.66 -32.40
C ALA A 172 16.60 14.34 -31.12
N THR A 173 15.55 13.82 -30.48
CA THR A 173 15.06 14.40 -29.23
C THR A 173 15.81 13.88 -28.01
N ALA A 174 16.67 12.87 -28.16
CA ALA A 174 17.39 12.27 -27.05
C ALA A 174 18.88 12.21 -27.38
N PRO A 175 19.51 13.37 -27.57
CA PRO A 175 20.92 13.35 -27.94
C PRO A 175 21.82 12.96 -26.76
N ASN A 176 22.89 12.26 -27.08
CA ASN A 176 23.95 11.92 -26.10
C ASN A 176 23.38 11.15 -24.90
N PHE A 177 22.50 10.19 -25.16
CA PHE A 177 21.90 9.41 -24.09
C PHE A 177 22.74 8.19 -23.70
N GLY A 178 23.90 7.98 -24.27
CA GLY A 178 24.74 6.89 -23.82
C GLY A 178 24.07 5.56 -23.99
N PRO A 179 24.05 4.73 -22.93
CA PRO A 179 23.42 3.41 -23.05
C PRO A 179 21.92 3.43 -22.81
N LEU A 180 21.33 4.59 -22.51
CA LEU A 180 19.90 4.62 -22.19
C LEU A 180 19.09 4.42 -23.45
N LYS A 181 18.10 3.52 -23.39
CA LYS A 181 17.19 3.25 -24.50
C LYS A 181 15.79 3.56 -23.99
N VAL A 182 15.20 4.64 -24.48
CA VAL A 182 13.95 5.17 -23.94
C VAL A 182 12.80 4.71 -24.81
N PHE A 183 11.78 4.13 -24.17
CA PHE A 183 10.68 3.49 -24.89
C PHE A 183 9.36 3.93 -24.26
N TYR A 184 8.42 4.40 -25.11
CA TYR A 184 7.07 4.71 -24.66
C TYR A 184 6.18 3.52 -24.95
N PRO A 185 5.67 2.79 -23.96
CA PRO A 185 4.98 1.52 -24.25
C PRO A 185 3.50 1.67 -24.55
N GLY A 186 2.96 2.89 -24.42
CA GLY A 186 1.53 3.10 -24.54
C GLY A 186 0.98 3.47 -23.19
N PRO A 187 -0.28 3.93 -23.17
CA PRO A 187 -0.90 4.35 -21.89
C PRO A 187 -1.09 3.15 -20.97
N GLY A 188 -0.88 3.39 -19.68
CA GLY A 188 -1.03 2.31 -18.71
C GLY A 188 -1.27 2.89 -17.34
N HIS A 189 -0.20 2.97 -16.53
CA HIS A 189 -0.31 3.64 -15.25
C HIS A 189 -0.75 5.10 -15.44
N THR A 190 -0.18 5.79 -16.42
CA THR A 190 -0.70 7.06 -16.90
C THR A 190 -0.60 7.05 -18.41
N SER A 191 -1.12 8.10 -19.05
CA SER A 191 -1.02 8.20 -20.50
CA SER A 191 -1.02 8.18 -20.51
C SER A 191 0.39 8.54 -20.97
N ASP A 192 1.20 9.14 -20.09
CA ASP A 192 2.50 9.66 -20.47
C ASP A 192 3.66 8.76 -20.02
N ASN A 193 3.40 7.69 -19.27
CA ASN A 193 4.47 6.83 -18.79
C ASN A 193 5.48 6.34 -19.82
N ILE A 194 6.77 6.51 -19.51
CA ILE A 194 7.84 5.98 -20.34
C ILE A 194 8.72 5.04 -19.54
N THR A 195 9.56 4.28 -20.26
CA THR A 195 10.40 3.24 -19.66
C THR A 195 11.80 3.34 -20.25
N VAL A 196 12.79 2.73 -19.58
CA VAL A 196 14.18 2.93 -19.95
C VAL A 196 14.93 1.62 -19.78
N GLY A 197 15.63 1.18 -20.83
CA GLY A 197 16.54 0.05 -20.73
C GLY A 197 17.98 0.56 -20.73
N ILE A 198 18.89 -0.22 -20.16
CA ILE A 198 20.30 0.13 -20.12
CA ILE A 198 20.30 0.14 -20.15
C ILE A 198 21.05 -0.85 -21.03
N ASP A 199 21.45 -0.39 -22.22
CA ASP A 199 22.16 -1.25 -23.16
C ASP A 199 23.44 -1.78 -22.54
N GLY A 200 23.78 -3.03 -22.83
CA GLY A 200 24.97 -3.66 -22.28
C GLY A 200 24.82 -4.13 -20.84
N THR A 201 23.63 -4.07 -20.28
CA THR A 201 23.35 -4.60 -18.95
C THR A 201 22.15 -5.52 -19.04
N ASP A 202 21.82 -6.12 -17.89
CA ASP A 202 20.64 -6.96 -17.76
C ASP A 202 19.42 -6.19 -17.30
N ILE A 203 19.45 -4.85 -17.28
CA ILE A 203 18.47 -4.03 -16.55
C ILE A 203 17.51 -3.32 -17.49
N ALA A 204 16.22 -3.37 -17.16
CA ALA A 204 15.23 -2.45 -17.73
C ALA A 204 14.35 -1.90 -16.62
N PHE A 205 13.95 -0.65 -16.78
CA PHE A 205 13.23 0.10 -15.75
C PHE A 205 11.81 0.39 -16.22
N GLY A 206 10.83 -0.16 -15.51
CA GLY A 206 9.43 0.05 -15.82
C GLY A 206 8.75 1.17 -15.07
N GLY A 207 9.42 1.81 -14.12
CA GLY A 207 8.77 2.87 -13.37
C GLY A 207 7.51 2.39 -12.65
N CYS A 208 6.46 3.22 -12.66
CA CYS A 208 5.24 2.84 -11.96
C CYS A 208 4.33 1.94 -12.81
N LEU A 209 4.68 1.72 -14.07
CA LEU A 209 3.87 0.86 -14.93
C LEU A 209 3.91 -0.60 -14.46
N ILE A 210 5.10 -1.07 -14.07
CA ILE A 210 5.31 -2.46 -13.73
C ILE A 210 5.26 -2.64 -12.22
N LYS A 211 4.52 -3.65 -11.76
CA LYS A 211 4.49 -4.07 -10.37
C LYS A 211 5.16 -5.42 -10.20
N ASP A 212 5.51 -5.77 -8.96
CA ASP A 212 6.31 -6.98 -8.86
C ASP A 212 5.46 -8.24 -8.98
N SER A 213 6.16 -9.37 -9.13
CA SER A 213 5.49 -10.60 -9.50
C SER A 213 4.58 -11.13 -8.40
N LYS A 214 4.67 -10.58 -7.18
CA LYS A 214 3.83 -10.98 -6.06
C LYS A 214 2.81 -9.91 -5.68
N ALA A 215 2.75 -8.83 -6.43
CA ALA A 215 1.88 -7.72 -6.09
C ALA A 215 0.42 -8.14 -6.17
N LYS A 216 -0.40 -7.56 -5.30
CA LYS A 216 -1.83 -7.84 -5.27
C LYS A 216 -2.65 -6.85 -6.08
N SER A 217 -2.10 -5.68 -6.38
CA SER A 217 -2.84 -4.70 -7.15
C SER A 217 -1.89 -3.94 -8.05
N LEU A 218 -2.47 -3.16 -8.93
CA LEU A 218 -1.72 -2.31 -9.85
C LEU A 218 -1.45 -0.92 -9.28
N GLY A 219 -1.65 -0.71 -7.98
CA GLY A 219 -1.35 0.60 -7.42
C GLY A 219 -2.44 1.61 -7.72
N ASN A 220 -2.05 2.87 -7.86
CA ASN A 220 -3.04 3.92 -8.08
C ASN A 220 -3.43 3.90 -9.55
N LEU A 221 -4.68 3.54 -9.82
CA LEU A 221 -5.23 3.54 -11.17
C LEU A 221 -6.01 4.82 -11.48
N GLY A 222 -5.93 5.84 -10.63
CA GLY A 222 -6.76 7.02 -10.81
C GLY A 222 -6.51 7.75 -12.12
N ASP A 223 -5.26 7.71 -12.62
CA ASP A 223 -4.89 8.38 -13.86
C ASP A 223 -4.62 7.35 -14.97
N ALA A 224 -5.01 6.10 -14.76
CA ALA A 224 -4.60 4.99 -15.61
C ALA A 224 -5.55 4.77 -16.78
N ASP A 225 -5.05 4.06 -17.77
CA ASP A 225 -5.82 3.67 -18.95
C ASP A 225 -6.05 2.17 -18.79
N THR A 226 -7.22 1.81 -18.27
CA THR A 226 -7.45 0.41 -17.95
C THR A 226 -7.68 -0.44 -19.19
N GLU A 227 -8.10 0.16 -20.30
CA GLU A 227 -8.27 -0.61 -21.53
C GLU A 227 -6.93 -1.02 -22.14
N HIS A 228 -5.93 -0.13 -22.10
CA HIS A 228 -4.68 -0.36 -22.82
C HIS A 228 -3.54 -0.82 -21.93
N TYR A 229 -3.75 -0.86 -20.61
CA TYR A 229 -2.67 -1.18 -19.67
C TYR A 229 -1.98 -2.50 -20.00
N ALA A 230 -2.74 -3.57 -20.22
CA ALA A 230 -2.11 -4.88 -20.43
C ALA A 230 -1.21 -4.86 -21.66
N ALA A 231 -1.69 -4.28 -22.77
CA ALA A 231 -0.87 -4.21 -23.98
C ALA A 231 0.37 -3.37 -23.74
N SER A 232 0.27 -2.32 -22.94
CA SER A 232 1.43 -1.49 -22.67
C SER A 232 2.46 -2.23 -21.84
N ALA A 233 2.02 -2.99 -20.83
CA ALA A 233 2.97 -3.81 -20.07
C ALA A 233 3.67 -4.83 -20.99
N ARG A 234 2.89 -5.50 -21.87
CA ARG A 234 3.52 -6.47 -22.77
C ARG A 234 4.45 -5.79 -23.75
N ALA A 235 4.10 -4.58 -24.21
CA ALA A 235 4.98 -3.85 -25.13
C ALA A 235 6.31 -3.51 -24.48
N PHE A 236 6.29 -3.11 -23.19
CA PHE A 236 7.53 -2.92 -22.44
C PHE A 236 8.37 -4.20 -22.46
N GLY A 237 7.74 -5.34 -22.17
CA GLY A 237 8.48 -6.59 -22.20
C GLY A 237 9.10 -6.87 -23.57
N ALA A 238 8.35 -6.62 -24.64
CA ALA A 238 8.85 -6.92 -25.99
C ALA A 238 9.89 -5.93 -26.47
N ALA A 239 9.88 -4.70 -25.92
CA ALA A 239 10.89 -3.70 -26.27
C ALA A 239 12.24 -4.04 -25.65
N PHE A 240 12.21 -4.71 -24.50
CA PHE A 240 13.42 -5.07 -23.74
C PHE A 240 13.44 -6.58 -23.51
N PRO A 241 13.53 -7.36 -24.59
CA PRO A 241 13.34 -8.82 -24.44
C PRO A 241 14.45 -9.48 -23.65
N LYS A 242 15.64 -8.91 -23.65
CA LYS A 242 16.79 -9.56 -23.04
C LYS A 242 16.89 -9.31 -21.53
N ALA A 243 16.35 -8.19 -21.05
CA ALA A 243 16.56 -7.81 -19.66
C ALA A 243 16.01 -8.85 -18.67
N SER A 244 16.86 -9.26 -17.71
CA SER A 244 16.46 -10.21 -16.67
C SER A 244 16.20 -9.54 -15.33
N MET A 245 16.70 -8.32 -15.13
CA MET A 245 16.49 -7.56 -13.90
C MET A 245 15.54 -6.42 -14.22
N ILE A 246 14.32 -6.52 -13.73
CA ILE A 246 13.25 -5.55 -13.99
C ILE A 246 13.15 -4.65 -12.77
N VAL A 247 13.51 -3.40 -12.93
CA VAL A 247 13.52 -2.43 -11.85
C VAL A 247 12.22 -1.63 -11.95
N MET A 248 11.63 -1.27 -10.80
CA MET A 248 10.31 -0.65 -10.78
C MET A 248 10.24 0.32 -9.61
N SER A 249 9.22 1.18 -9.64
CA SER A 249 9.17 2.28 -8.68
C SER A 249 8.99 1.83 -7.25
N HIS A 250 8.21 0.75 -6.97
CA HIS A 250 7.81 0.52 -5.58
C HIS A 250 8.07 -0.88 -5.08
N SER A 251 8.96 -1.62 -5.73
CA SER A 251 9.38 -2.92 -5.24
C SER A 251 10.85 -3.09 -5.60
N ALA A 252 11.48 -4.08 -4.95
CA ALA A 252 12.85 -4.42 -5.27
C ALA A 252 12.93 -4.97 -6.69
N PRO A 253 14.11 -4.90 -7.32
CA PRO A 253 14.25 -5.46 -8.67
C PRO A 253 13.79 -6.91 -8.71
N ASP A 254 13.08 -7.29 -9.77
CA ASP A 254 12.45 -8.60 -9.88
C ASP A 254 12.85 -9.25 -11.20
N SER A 255 12.37 -10.47 -11.41
CA SER A 255 12.54 -11.17 -12.68
C SER A 255 11.48 -10.70 -13.68
N ARG A 256 11.55 -11.27 -14.89
CA ARG A 256 10.56 -10.95 -15.91
C ARG A 256 9.16 -11.38 -15.51
N ALA A 257 9.02 -12.23 -14.48
CA ALA A 257 7.69 -12.55 -13.97
C ALA A 257 6.92 -11.29 -13.53
N ALA A 258 7.63 -10.20 -13.19
CA ALA A 258 6.93 -8.96 -12.89
C ALA A 258 6.14 -8.45 -14.09
N ILE A 259 6.72 -8.59 -15.30
CA ILE A 259 6.03 -8.10 -16.49
C ILE A 259 4.80 -8.95 -16.76
N THR A 260 4.99 -10.28 -16.71
CA THR A 260 3.91 -11.23 -16.99
C THR A 260 2.78 -11.04 -15.97
N HIS A 261 3.15 -10.90 -14.70
CA HIS A 261 2.14 -10.73 -13.67
C HIS A 261 1.40 -9.40 -13.81
N THR A 262 2.13 -8.31 -14.08
CA THR A 262 1.48 -7.03 -14.29
C THR A 262 0.48 -7.13 -15.43
N ALA A 263 0.89 -7.74 -16.56
CA ALA A 263 0.00 -7.84 -17.72
C ALA A 263 -1.23 -8.68 -17.42
N ARG A 264 -1.06 -9.78 -16.67
CA ARG A 264 -2.21 -10.63 -16.37
C ARG A 264 -3.18 -9.94 -15.43
N MET A 265 -2.66 -9.17 -14.48
CA MET A 265 -3.49 -8.37 -13.58
C MET A 265 -4.24 -7.32 -14.40
N ALA A 266 -3.54 -6.71 -15.37
CA ALA A 266 -4.17 -5.69 -16.20
C ALA A 266 -5.20 -6.28 -17.15
N ASP A 267 -5.01 -7.54 -17.57
CA ASP A 267 -6.01 -8.22 -18.39
C ASP A 267 -7.37 -8.21 -17.71
N LYS A 268 -7.39 -8.25 -16.38
CA LYS A 268 -8.63 -8.33 -15.63
C LYS A 268 -9.38 -7.01 -15.58
N LEU A 269 -8.72 -5.91 -15.99
CA LEU A 269 -9.34 -4.59 -15.98
C LEU A 269 -10.22 -4.33 -17.20
N ARG A 270 -10.07 -5.10 -18.27
CA ARG A 270 -10.77 -4.83 -19.51
C ARG A 270 -11.81 -5.90 -19.81
N ILE B 31 -13.68 0.70 -6.59
CA ILE B 31 -13.74 -0.63 -7.17
C ILE B 31 -12.38 -1.34 -7.06
N ARG B 32 -11.28 -0.59 -7.25
CA ARG B 32 -9.94 -1.17 -7.30
C ARG B 32 -8.97 -0.45 -6.37
N PRO B 33 -8.94 -0.84 -5.10
CA PRO B 33 -8.14 -0.10 -4.14
C PRO B 33 -6.65 -0.21 -4.42
N THR B 34 -5.94 0.84 -4.01
CA THR B 34 -4.48 0.82 -4.06
C THR B 34 -3.92 -0.10 -2.98
N ILE B 35 -4.51 -0.09 -1.77
CA ILE B 35 -4.15 -0.99 -0.68
C ILE B 35 -5.42 -1.73 -0.27
N GLY B 36 -5.29 -3.03 0.01
CA GLY B 36 -6.42 -3.87 0.32
C GLY B 36 -6.70 -4.87 -0.79
N GLN B 37 -7.50 -5.89 -0.46
CA GLN B 37 -7.83 -6.91 -1.45
C GLN B 37 -8.74 -6.33 -2.54
N GLN B 38 -8.60 -6.89 -3.74
CA GLN B 38 -9.48 -6.51 -4.84
C GLN B 38 -10.80 -7.25 -4.74
N MET B 39 -11.72 -6.92 -5.65
CA MET B 39 -12.95 -7.67 -5.71
C MET B 39 -12.79 -8.95 -6.49
N GLU B 40 -13.60 -9.94 -6.12
CA GLU B 40 -13.46 -11.27 -6.69
C GLU B 40 -14.82 -11.94 -6.58
N THR B 41 -14.95 -13.07 -7.28
CA THR B 41 -16.16 -13.88 -7.20
C THR B 41 -16.61 -13.97 -5.74
N GLY B 42 -17.90 -13.75 -5.52
CA GLY B 42 -18.45 -13.82 -4.19
C GLY B 42 -18.55 -12.51 -3.44
N ASP B 43 -18.16 -11.40 -4.06
CA ASP B 43 -18.28 -10.09 -3.43
C ASP B 43 -19.51 -9.36 -3.96
N GLN B 44 -20.29 -8.78 -3.06
CA GLN B 44 -21.50 -8.03 -3.37
C GLN B 44 -21.17 -6.56 -3.18
N ARG B 45 -21.30 -5.77 -4.23
CA ARG B 45 -21.17 -4.34 -4.09
C ARG B 45 -22.48 -3.76 -3.56
N PHE B 46 -22.39 -2.88 -2.58
CA PHE B 46 -23.57 -2.23 -1.99
C PHE B 46 -23.19 -0.78 -1.73
N GLY B 47 -23.74 0.12 -2.55
CA GLY B 47 -23.29 1.48 -2.56
C GLY B 47 -21.78 1.57 -2.72
N ASP B 48 -21.13 2.19 -1.75
CA ASP B 48 -19.69 2.38 -1.79
C ASP B 48 -18.93 1.26 -1.09
N LEU B 49 -19.62 0.22 -0.64
CA LEU B 49 -19.00 -0.81 0.19
C LEU B 49 -19.09 -2.15 -0.53
N VAL B 50 -18.31 -3.12 -0.04
CA VAL B 50 -18.30 -4.48 -0.55
C VAL B 50 -18.53 -5.43 0.63
N PHE B 51 -19.37 -6.44 0.41
CA PHE B 51 -19.69 -7.45 1.42
C PHE B 51 -19.37 -8.83 0.86
N ARG B 52 -18.80 -9.68 1.72
CA ARG B 52 -18.44 -11.06 1.37
C ARG B 52 -18.90 -12.00 2.47
N GLN B 53 -19.70 -13.00 2.10
CA GLN B 53 -20.07 -14.01 3.09
C GLN B 53 -18.88 -14.93 3.33
N LEU B 54 -18.51 -15.08 4.61
CA LEU B 54 -17.42 -15.99 4.99
C LEU B 54 -17.89 -17.31 5.57
N ALA B 55 -19.07 -17.32 6.18
CA ALA B 55 -19.67 -18.49 6.81
C ALA B 55 -21.17 -18.25 6.80
N PRO B 56 -21.97 -19.26 7.14
CA PRO B 56 -23.42 -19.04 7.07
C PRO B 56 -23.89 -17.83 7.85
N ASN B 57 -23.21 -17.49 8.95
CA ASN B 57 -23.63 -16.41 9.83
C ASN B 57 -22.57 -15.31 9.95
N VAL B 58 -21.59 -15.25 9.07
CA VAL B 58 -20.50 -14.27 9.18
C VAL B 58 -20.25 -13.64 7.83
N TRP B 59 -20.21 -12.31 7.81
CA TRP B 59 -19.87 -11.57 6.59
C TRP B 59 -18.75 -10.58 6.88
N GLN B 60 -17.95 -10.32 5.87
CA GLN B 60 -16.91 -9.29 5.96
C GLN B 60 -17.43 -8.02 5.28
N HIS B 61 -17.34 -6.89 5.99
CA HIS B 61 -17.63 -5.59 5.41
C HIS B 61 -16.33 -4.91 4.98
N THR B 62 -16.36 -4.24 3.83
CA THR B 62 -15.18 -3.54 3.34
C THR B 62 -15.56 -2.14 2.90
N SER B 63 -14.84 -1.14 3.40
CA SER B 63 -15.05 0.25 3.05
C SER B 63 -13.73 0.85 2.56
N TYR B 64 -13.81 1.99 1.90
CA TYR B 64 -12.66 2.51 1.18
C TYR B 64 -12.46 3.98 1.51
N LEU B 65 -11.23 4.33 1.87
CA LEU B 65 -10.84 5.70 2.08
C LEU B 65 -10.09 6.15 0.85
N ASP B 66 -10.66 7.12 0.13
CA ASP B 66 -10.01 7.61 -1.07
C ASP B 66 -8.95 8.63 -0.69
N MET B 67 -7.71 8.23 -0.80
CA MET B 67 -6.59 9.05 -0.38
C MET B 67 -6.14 9.91 -1.55
N PRO B 68 -6.23 11.24 -1.48
CA PRO B 68 -5.86 12.07 -2.64
C PRO B 68 -4.45 11.79 -3.12
N GLY B 69 -4.33 11.53 -4.42
CA GLY B 69 -3.06 11.24 -5.06
C GLY B 69 -2.56 9.82 -4.89
N PHE B 70 -3.29 9.00 -4.13
CA PHE B 70 -2.87 7.65 -3.79
C PHE B 70 -3.90 6.62 -4.19
N GLY B 71 -5.18 6.97 -4.13
CA GLY B 71 -6.24 6.02 -4.41
C GLY B 71 -6.84 5.46 -3.14
N ALA B 72 -7.60 4.41 -3.31
CA ALA B 72 -8.45 3.90 -2.24
C ALA B 72 -7.69 2.93 -1.34
N VAL B 73 -7.91 3.05 -0.03
CA VAL B 73 -7.40 2.09 0.95
C VAL B 73 -8.59 1.32 1.51
N ALA B 74 -8.60 0.01 1.32
CA ALA B 74 -9.69 -0.79 1.86
C ALA B 74 -9.45 -1.12 3.31
N SER B 75 -10.54 -1.20 4.08
CA SER B 75 -10.51 -1.69 5.45
C SER B 75 -11.67 -2.63 5.68
N ASN B 76 -11.40 -3.73 6.38
CA ASN B 76 -12.37 -4.80 6.60
C ASN B 76 -12.78 -4.88 8.07
N GLY B 77 -14.05 -5.21 8.28
CA GLY B 77 -14.56 -5.63 9.58
C GLY B 77 -15.53 -6.79 9.38
N LEU B 78 -16.30 -7.15 10.43
CA LEU B 78 -17.16 -8.31 10.37
C LEU B 78 -18.58 -7.97 10.81
N ILE B 79 -19.50 -8.79 10.31
CA ILE B 79 -20.91 -8.81 10.72
C ILE B 79 -21.23 -10.24 11.07
N VAL B 80 -21.82 -10.46 12.25
CA VAL B 80 -22.12 -11.81 12.71
C VAL B 80 -23.59 -11.91 13.09
N ARG B 81 -24.30 -12.87 12.53
CA ARG B 81 -25.65 -13.14 13.00
C ARG B 81 -25.62 -14.14 14.16
N ASP B 82 -26.29 -13.80 15.27
CA ASP B 82 -26.35 -14.65 16.47
C ASP B 82 -27.84 -14.80 16.79
N GLY B 83 -28.50 -15.75 16.12
CA GLY B 83 -29.93 -15.95 16.32
C GLY B 83 -30.72 -14.75 15.83
N GLY B 84 -31.50 -14.11 16.69
CA GLY B 84 -32.34 -12.99 16.28
C GLY B 84 -31.69 -11.62 16.32
N ARG B 85 -30.36 -11.56 16.39
CA ARG B 85 -29.67 -10.28 16.44
C ARG B 85 -28.38 -10.36 15.65
N VAL B 86 -27.79 -9.18 15.42
CA VAL B 86 -26.57 -9.03 14.63
C VAL B 86 -25.53 -8.31 15.47
N LEU B 87 -24.26 -8.70 15.33
CA LEU B 87 -23.16 -8.10 16.07
C LEU B 87 -22.17 -7.58 15.04
N VAL B 88 -21.55 -6.44 15.30
CA VAL B 88 -20.62 -5.85 14.34
C VAL B 88 -19.24 -5.72 14.96
N VAL B 89 -18.19 -6.01 14.18
CA VAL B 89 -16.80 -5.76 14.58
C VAL B 89 -16.23 -4.71 13.64
N ASP B 90 -15.85 -3.57 14.20
CA ASP B 90 -15.26 -2.40 13.54
C ASP B 90 -16.26 -1.56 12.76
N THR B 91 -16.07 -0.22 12.80
CA THR B 91 -16.82 0.63 11.91
C THR B 91 -16.14 0.64 10.55
N ALA B 92 -16.74 1.38 9.61
CA ALA B 92 -16.06 1.76 8.39
C ALA B 92 -15.20 3.01 8.64
N TRP B 93 -14.54 3.52 7.61
CA TRP B 93 -13.71 4.71 7.80
C TRP B 93 -14.53 5.94 8.21
N THR B 94 -15.79 6.04 7.76
CA THR B 94 -16.57 7.25 8.00
C THR B 94 -17.96 6.91 8.51
N ASP B 95 -18.64 7.96 9.01
CA ASP B 95 -20.03 7.80 9.42
C ASP B 95 -20.91 7.39 8.26
N ASP B 96 -20.79 8.05 7.11
CA ASP B 96 -21.66 7.67 6.01
C ASP B 96 -21.46 6.21 5.61
N GLN B 97 -20.20 5.77 5.50
CA GLN B 97 -19.94 4.37 5.15
C GLN B 97 -20.53 3.44 6.20
N THR B 98 -20.43 3.82 7.48
CA THR B 98 -20.95 2.96 8.55
C THR B 98 -22.47 2.91 8.50
N ALA B 99 -23.12 4.03 8.16
CA ALA B 99 -24.58 3.99 7.96
C ALA B 99 -24.94 3.05 6.81
N GLN B 100 -24.11 2.99 5.78
CA GLN B 100 -24.36 2.05 4.69
C GLN B 100 -24.23 0.59 5.15
N ILE B 101 -23.29 0.30 6.07
CA ILE B 101 -23.25 -1.05 6.64
C ILE B 101 -24.58 -1.38 7.29
N LEU B 102 -25.11 -0.44 8.09
CA LEU B 102 -26.37 -0.72 8.78
C LEU B 102 -27.50 -0.89 7.77
N ASN B 103 -27.47 -0.12 6.68
CA ASN B 103 -28.49 -0.29 5.65
CA ASN B 103 -28.49 -0.31 5.67
C ASN B 103 -28.38 -1.66 4.98
N TRP B 104 -27.15 -2.13 4.73
CA TRP B 104 -26.99 -3.47 4.17
C TRP B 104 -27.54 -4.53 5.10
N ILE B 105 -27.22 -4.42 6.40
CA ILE B 105 -27.76 -5.37 7.37
C ILE B 105 -29.28 -5.38 7.33
N LYS B 106 -29.89 -4.18 7.31
CA LYS B 106 -31.35 -4.08 7.27
C LYS B 106 -31.91 -4.78 6.03
N GLN B 107 -31.27 -4.58 4.86
CA GLN B 107 -31.76 -5.18 3.61
C GLN B 107 -31.57 -6.69 3.60
N GLU B 108 -30.38 -7.17 3.98
CA GLU B 108 -29.98 -8.54 3.71
C GLU B 108 -30.25 -9.48 4.86
N ILE B 109 -30.27 -8.97 6.10
CA ILE B 109 -30.52 -9.78 7.28
C ILE B 109 -31.82 -9.38 7.99
N ASN B 110 -32.13 -8.07 8.06
CA ASN B 110 -33.38 -7.63 8.65
C ASN B 110 -33.53 -8.02 10.12
N LEU B 111 -32.45 -7.90 10.88
CA LEU B 111 -32.47 -8.11 12.32
C LEU B 111 -31.74 -6.96 12.99
N PRO B 112 -32.03 -6.69 14.27
CA PRO B 112 -31.39 -5.55 14.94
C PRO B 112 -29.93 -5.83 15.25
N VAL B 113 -29.14 -4.76 15.22
CA VAL B 113 -27.75 -4.81 15.66
C VAL B 113 -27.73 -4.59 17.15
N ALA B 114 -27.28 -5.61 17.89
CA ALA B 114 -27.28 -5.50 19.35
C ALA B 114 -26.11 -4.68 19.86
N LEU B 115 -24.94 -4.83 19.25
CA LEU B 115 -23.74 -4.16 19.76
C LEU B 115 -22.68 -4.19 18.69
N ALA B 116 -21.71 -3.29 18.84
CA ALA B 116 -20.51 -3.28 18.02
C ALA B 116 -19.29 -3.21 18.91
N VAL B 117 -18.24 -3.93 18.53
CA VAL B 117 -16.95 -3.83 19.18
CA VAL B 117 -16.93 -3.89 19.17
C VAL B 117 -15.94 -3.31 18.17
N VAL B 118 -15.15 -2.34 18.60
CA VAL B 118 -14.17 -1.71 17.72
C VAL B 118 -12.77 -2.01 18.24
N THR B 119 -11.83 -2.27 17.31
CA THR B 119 -10.63 -2.98 17.71
C THR B 119 -9.40 -2.12 18.01
N HIS B 120 -9.46 -0.82 17.75
CA HIS B 120 -8.50 0.14 18.33
C HIS B 120 -8.86 1.54 17.83
N ALA B 121 -8.24 2.55 18.46
CA ALA B 121 -8.63 3.94 18.21
C ALA B 121 -7.86 4.55 17.03
N HIS B 122 -8.19 4.08 15.82
CA HIS B 122 -7.75 4.68 14.57
C HIS B 122 -8.95 4.74 13.63
N GLN B 123 -8.83 5.58 12.60
CA GLN B 123 -9.98 5.92 11.77
C GLN B 123 -10.55 4.71 11.03
N ASP B 124 -9.69 3.78 10.58
CA ASP B 124 -10.24 2.64 9.84
C ASP B 124 -11.14 1.77 10.72
N LYS B 125 -10.96 1.81 12.03
CA LYS B 125 -11.71 0.93 12.94
C LYS B 125 -12.79 1.64 13.74
N MET B 126 -12.62 2.95 13.96
CA MET B 126 -13.52 3.78 14.78
C MET B 126 -14.04 5.03 14.12
N GLY B 127 -13.76 5.24 12.83
CA GLY B 127 -14.17 6.48 12.18
C GLY B 127 -15.68 6.69 12.10
N GLY B 128 -16.46 5.61 12.22
CA GLY B 128 -17.91 5.71 12.04
C GLY B 128 -18.72 5.55 13.32
N MET B 129 -18.10 5.84 14.48
CA MET B 129 -18.79 5.64 15.75
CA MET B 129 -18.78 5.66 15.76
C MET B 129 -20.10 6.42 15.82
N ASP B 130 -20.12 7.67 15.32
CA ASP B 130 -21.32 8.49 15.43
C ASP B 130 -22.52 7.86 14.73
N ALA B 131 -22.30 7.14 13.63
CA ALA B 131 -23.42 6.49 12.95
C ALA B 131 -23.97 5.34 13.80
N LEU B 132 -23.10 4.59 14.47
CA LEU B 132 -23.60 3.56 15.38
C LEU B 132 -24.42 4.17 16.50
N HIS B 133 -23.94 5.27 17.08
CA HIS B 133 -24.64 5.89 18.18
C HIS B 133 -25.98 6.45 17.73
N ALA B 134 -26.02 7.10 16.57
CA ALA B 134 -27.28 7.64 16.06
C ALA B 134 -28.31 6.54 15.87
N ALA B 135 -27.86 5.33 15.55
CA ALA B 135 -28.75 4.19 15.37
C ALA B 135 -29.16 3.54 16.67
N GLY B 136 -28.59 3.97 17.81
CA GLY B 136 -28.91 3.39 19.08
C GLY B 136 -28.20 2.10 19.38
N ILE B 137 -27.08 1.84 18.74
CA ILE B 137 -26.34 0.60 18.92
C ILE B 137 -25.33 0.77 20.04
N ALA B 138 -25.30 -0.18 20.97
CA ALA B 138 -24.36 -0.15 22.08
C ALA B 138 -22.94 -0.44 21.56
N THR B 139 -21.98 0.42 21.90
CA THR B 139 -20.62 0.29 21.39
C THR B 139 -19.63 -0.02 22.51
N TYR B 140 -18.65 -0.87 22.19
CA TYR B 140 -17.67 -1.38 23.13
C TYR B 140 -16.29 -1.26 22.52
N ALA B 141 -15.31 -0.90 23.35
CA ALA B 141 -13.90 -0.87 22.94
C ALA B 141 -13.07 -1.11 24.18
N ASN B 142 -11.82 -1.52 23.99
CA ASN B 142 -10.83 -1.51 25.07
C ASN B 142 -10.90 -0.18 25.80
N ALA B 143 -10.89 -0.22 27.14
CA ALA B 143 -10.82 1.02 27.91
C ALA B 143 -9.72 1.95 27.40
N LEU B 144 -8.54 1.40 27.07
CA LEU B 144 -7.45 2.23 26.56
C LEU B 144 -7.83 2.87 25.22
N SER B 145 -8.56 2.16 24.36
CA SER B 145 -9.01 2.78 23.10
C SER B 145 -9.92 3.96 23.39
N ASN B 146 -10.80 3.80 24.36
CA ASN B 146 -11.69 4.91 24.70
C ASN B 146 -10.93 6.08 25.28
N GLN B 147 -9.85 5.80 26.02
CA GLN B 147 -9.03 6.86 26.58
C GLN B 147 -8.22 7.57 25.50
N LEU B 148 -7.75 6.82 24.49
CA LEU B 148 -6.98 7.39 23.39
C LEU B 148 -7.85 8.07 22.35
N ALA B 149 -9.13 7.69 22.25
CA ALA B 149 -9.97 8.18 21.15
C ALA B 149 -9.95 9.69 21.01
N PRO B 150 -10.15 10.48 22.07
CA PRO B 150 -10.12 11.93 21.90
C PRO B 150 -8.81 12.48 21.34
N GLN B 151 -7.69 11.84 21.67
CA GLN B 151 -6.40 12.21 21.15
C GLN B 151 -6.22 11.86 19.67
N GLU B 152 -6.96 10.88 19.18
CA GLU B 152 -6.84 10.32 17.84
C GLU B 152 -7.95 10.83 16.92
N GLY B 153 -8.66 11.88 17.32
CA GLY B 153 -9.71 12.36 16.46
C GLY B 153 -10.92 11.44 16.37
N MET B 154 -11.09 10.52 17.33
CA MET B 154 -12.23 9.62 17.39
C MET B 154 -13.22 9.94 18.54
N VAL B 155 -14.42 9.41 18.39
CA VAL B 155 -15.42 9.40 19.47
C VAL B 155 -15.28 8.08 20.22
N ALA B 156 -15.19 8.14 21.54
CA ALA B 156 -15.11 6.91 22.34
C ALA B 156 -16.36 6.05 22.21
N ALA B 157 -16.18 4.72 22.30
CA ALA B 157 -17.31 3.83 22.52
C ALA B 157 -17.98 4.14 23.85
N GLN B 158 -19.24 3.73 23.98
CA GLN B 158 -20.03 4.02 25.17
C GLN B 158 -19.71 3.09 26.33
N HIS B 159 -19.02 1.97 26.08
CA HIS B 159 -18.68 1.00 27.12
C HIS B 159 -17.22 0.58 26.94
N SER B 160 -16.58 0.26 28.05
CA SER B 160 -15.17 -0.12 28.08
C SER B 160 -14.99 -1.59 28.44
N LEU B 161 -14.17 -2.28 27.64
CA LEU B 161 -13.73 -3.63 27.92
C LEU B 161 -12.43 -3.56 28.72
N THR B 162 -12.30 -4.43 29.71
CA THR B 162 -11.01 -4.57 30.37
C THR B 162 -10.54 -6.00 30.26
N PHE B 163 -9.25 -6.21 30.50
CA PHE B 163 -8.60 -7.46 30.18
C PHE B 163 -7.78 -7.98 31.35
N ALA B 164 -7.73 -9.31 31.44
CA ALA B 164 -6.86 -9.96 32.42
C ALA B 164 -5.39 -9.90 31.99
N ALA B 165 -4.51 -10.30 32.92
CA ALA B 165 -3.08 -10.31 32.64
C ALA B 165 -2.67 -11.29 31.56
N ASN B 166 -3.51 -12.26 31.21
CA ASN B 166 -3.26 -13.18 30.09
C ASN B 166 -3.97 -12.76 28.81
N GLY B 167 -4.64 -11.60 28.80
CA GLY B 167 -5.24 -11.04 27.60
C GLY B 167 -6.71 -11.35 27.43
N TRP B 168 -7.29 -12.30 28.16
CA TRP B 168 -8.72 -12.56 27.95
C TRP B 168 -9.57 -11.43 28.54
N VAL B 169 -10.65 -11.07 27.84
CA VAL B 169 -11.54 -10.03 28.32
C VAL B 169 -12.16 -10.45 29.66
N GLU B 170 -12.38 -9.46 30.52
CA GLU B 170 -13.13 -9.69 31.75
C GLU B 170 -14.60 -9.85 31.41
N PRO B 171 -15.22 -10.99 31.71
CA PRO B 171 -16.56 -11.28 31.17
C PRO B 171 -17.60 -10.27 31.56
N ALA B 172 -17.53 -9.73 32.78
CA ALA B 172 -18.57 -8.78 33.15
C ALA B 172 -18.53 -7.49 32.34
N THR B 173 -17.40 -7.19 31.70
CA THR B 173 -17.32 -6.01 30.84
C THR B 173 -17.80 -6.28 29.42
N ALA B 174 -18.05 -7.54 29.08
CA ALA B 174 -18.50 -7.94 27.74
C ALA B 174 -19.81 -8.71 27.85
N PRO B 175 -20.87 -8.06 28.35
CA PRO B 175 -22.11 -8.80 28.65
C PRO B 175 -22.84 -9.16 27.37
N ASN B 176 -23.32 -10.40 27.31
CA ASN B 176 -24.16 -10.84 26.20
C ASN B 176 -23.46 -10.71 24.85
N PHE B 177 -22.19 -11.05 24.82
CA PHE B 177 -21.41 -10.95 23.58
C PHE B 177 -21.61 -12.14 22.66
N GLY B 178 -22.43 -13.14 23.05
CA GLY B 178 -22.68 -14.25 22.16
C GLY B 178 -21.39 -14.91 21.74
N PRO B 179 -21.20 -15.10 20.44
CA PRO B 179 -20.01 -15.82 19.96
C PRO B 179 -18.74 -14.98 19.93
N LEU B 180 -18.79 -13.67 20.22
CA LEU B 180 -17.60 -12.84 20.12
C LEU B 180 -16.72 -13.08 21.33
N LYS B 181 -15.52 -13.62 21.11
CA LYS B 181 -14.56 -13.95 22.18
C LYS B 181 -13.40 -12.96 22.05
N VAL B 182 -13.41 -11.93 22.88
CA VAL B 182 -12.49 -10.81 22.72
C VAL B 182 -11.19 -11.09 23.48
N PHE B 183 -10.06 -10.82 22.82
CA PHE B 183 -8.75 -11.14 23.36
C PHE B 183 -7.79 -9.98 23.09
N TYR B 184 -7.12 -9.49 24.14
CA TYR B 184 -6.10 -8.47 24.00
C TYR B 184 -4.75 -9.16 23.93
N PRO B 185 -4.06 -9.15 22.79
CA PRO B 185 -2.86 -9.98 22.64
C PRO B 185 -1.60 -9.33 23.14
N GLY B 186 -1.65 -8.05 23.55
CA GLY B 186 -0.45 -7.31 23.90
C GLY B 186 -0.24 -6.19 22.88
N PRO B 187 0.66 -5.25 23.18
CA PRO B 187 0.89 -4.15 22.24
C PRO B 187 1.54 -4.66 20.97
N GLY B 188 1.11 -4.09 19.84
CA GLY B 188 1.72 -4.48 18.59
C GLY B 188 1.56 -3.37 17.58
N HIS B 189 0.53 -3.47 16.74
CA HIS B 189 0.23 -2.38 15.82
C HIS B 189 -0.03 -1.08 16.59
N THR B 190 -0.79 -1.18 17.69
CA THR B 190 -0.90 -0.11 18.66
C THR B 190 -0.87 -0.74 20.05
N SER B 191 -0.84 0.10 21.08
CA SER B 191 -0.87 -0.46 22.44
C SER B 191 -2.26 -0.94 22.83
N ASP B 192 -3.31 -0.49 22.12
CA ASP B 192 -4.69 -0.82 22.49
C ASP B 192 -5.33 -1.89 21.61
N ASN B 193 -4.64 -2.42 20.59
CA ASN B 193 -5.26 -3.29 19.61
C ASN B 193 -5.85 -4.54 20.28
N ILE B 194 -7.08 -4.87 19.90
CA ILE B 194 -7.72 -6.09 20.38
C ILE B 194 -8.12 -6.95 19.18
N THR B 195 -8.44 -8.21 19.47
CA THR B 195 -8.73 -9.22 18.45
C THR B 195 -10.00 -9.93 18.89
N VAL B 196 -10.63 -10.65 17.96
CA VAL B 196 -11.92 -11.27 18.27
C VAL B 196 -12.02 -12.64 17.59
N GLY B 197 -12.24 -13.69 18.38
CA GLY B 197 -12.58 -14.99 17.82
C GLY B 197 -14.08 -15.11 17.68
N ILE B 198 -14.54 -15.84 16.66
CA ILE B 198 -15.97 -16.07 16.50
C ILE B 198 -16.26 -17.51 16.92
N ASP B 199 -16.78 -17.67 18.12
CA ASP B 199 -17.12 -19.01 18.61
CA ASP B 199 -17.11 -19.01 18.61
C ASP B 199 -18.12 -19.68 17.68
N GLY B 200 -18.03 -21.01 17.58
CA GLY B 200 -18.95 -21.71 16.69
C GLY B 200 -18.55 -21.64 15.25
N THR B 201 -17.37 -21.11 14.96
CA THR B 201 -16.81 -21.02 13.62
C THR B 201 -15.32 -21.25 13.71
N ASP B 202 -14.70 -21.39 12.55
CA ASP B 202 -13.25 -21.44 12.47
C ASP B 202 -12.60 -20.10 12.08
N ILE B 203 -13.25 -18.98 12.42
CA ILE B 203 -12.80 -17.64 12.08
C ILE B 203 -12.27 -16.92 13.30
N ALA B 204 -11.16 -16.19 13.12
CA ALA B 204 -10.66 -15.24 14.11
C ALA B 204 -10.23 -13.97 13.39
N PHE B 205 -10.47 -12.83 14.04
CA PHE B 205 -10.23 -11.52 13.46
C PHE B 205 -9.04 -10.85 14.15
N GLY B 206 -8.02 -10.53 13.36
CA GLY B 206 -6.82 -9.91 13.88
C GLY B 206 -6.75 -8.40 13.71
N GLY B 207 -7.70 -7.81 12.98
CA GLY B 207 -7.66 -6.36 12.80
C GLY B 207 -6.39 -5.93 12.09
N CYS B 208 -5.84 -4.79 12.51
CA CYS B 208 -4.62 -4.28 11.86
C CYS B 208 -3.35 -4.90 12.42
N LEU B 209 -3.45 -5.70 13.48
CA LEU B 209 -2.26 -6.37 14.01
C LEU B 209 -1.68 -7.37 13.01
N ILE B 210 -2.54 -8.08 12.29
CA ILE B 210 -2.14 -9.21 11.45
C ILE B 210 -2.17 -8.74 10.00
N LYS B 211 -1.08 -9.03 9.28
CA LYS B 211 -0.99 -8.81 7.84
C LYS B 211 -1.01 -10.15 7.12
N ASP B 212 -1.28 -10.14 5.83
CA ASP B 212 -1.46 -11.44 5.21
C ASP B 212 -0.12 -12.15 4.96
N SER B 213 -0.22 -13.43 4.62
CA SER B 213 0.96 -14.28 4.51
C SER B 213 1.89 -13.85 3.39
N LYS B 214 1.43 -13.02 2.47
CA LYS B 214 2.27 -12.55 1.37
C LYS B 214 2.71 -11.12 1.55
N ALA B 215 2.38 -10.49 2.69
CA ALA B 215 2.70 -9.08 2.88
C ALA B 215 4.20 -8.86 2.99
N LYS B 216 4.64 -7.71 2.50
CA LYS B 216 6.03 -7.30 2.58
C LYS B 216 6.30 -6.39 3.76
N SER B 217 5.27 -5.77 4.32
CA SER B 217 5.50 -4.87 5.43
C SER B 217 4.39 -5.03 6.45
N LEU B 218 4.66 -4.49 7.62
CA LEU B 218 3.74 -4.48 8.74
C LEU B 218 2.83 -3.25 8.72
N GLY B 219 2.84 -2.47 7.63
CA GLY B 219 1.93 -1.34 7.57
C GLY B 219 2.44 -0.16 8.38
N ASN B 220 1.51 0.65 8.91
CA ASN B 220 1.91 1.82 9.67
C ASN B 220 2.41 1.39 11.05
N LEU B 221 3.71 1.60 11.31
CA LEU B 221 4.33 1.30 12.60
C LEU B 221 4.49 2.56 13.45
N GLY B 222 3.87 3.66 13.04
CA GLY B 222 4.04 4.91 13.76
C GLY B 222 3.62 4.87 15.21
N ASP B 223 2.57 4.09 15.51
CA ASP B 223 2.05 3.98 16.88
C ASP B 223 2.37 2.61 17.48
N ALA B 224 3.26 1.84 16.85
CA ALA B 224 3.50 0.43 17.16
C ALA B 224 4.52 0.25 18.30
N ASP B 225 4.44 -0.92 18.92
CA ASP B 225 5.38 -1.37 19.94
C ASP B 225 6.26 -2.40 19.23
N THR B 226 7.40 -1.94 18.72
CA THR B 226 8.20 -2.84 17.92
C THR B 226 8.85 -3.92 18.77
N GLU B 227 9.03 -3.68 20.08
CA GLU B 227 9.66 -4.69 20.90
C GLU B 227 8.71 -5.85 21.17
N HIS B 228 7.43 -5.56 21.40
CA HIS B 228 6.48 -6.59 21.81
C HIS B 228 5.62 -7.14 20.66
N TYR B 229 5.75 -6.61 19.44
CA TYR B 229 4.85 -6.97 18.34
C TYR B 229 4.87 -8.47 18.07
N ALA B 230 6.05 -9.07 17.97
CA ALA B 230 6.09 -10.48 17.60
C ALA B 230 5.37 -11.33 18.62
N ALA B 231 5.64 -11.10 19.91
CA ALA B 231 4.96 -11.87 20.96
C ALA B 231 3.45 -11.65 20.90
N SER B 232 3.00 -10.42 20.62
CA SER B 232 1.57 -10.15 20.55
C SER B 232 0.92 -10.90 19.38
N ALA B 233 1.57 -10.90 18.22
CA ALA B 233 1.03 -11.65 17.08
C ALA B 233 0.92 -13.13 17.42
N ARG B 234 1.97 -13.71 18.04
CA ARG B 234 1.95 -15.13 18.40
C ARG B 234 0.91 -15.41 19.48
N ALA B 235 0.70 -14.46 20.39
CA ALA B 235 -0.29 -14.65 21.42
C ALA B 235 -1.69 -14.72 20.82
N PHE B 236 -1.98 -13.91 19.79
CA PHE B 236 -3.25 -14.02 19.10
C PHE B 236 -3.43 -15.42 18.50
N GLY B 237 -2.39 -15.96 17.84
CA GLY B 237 -2.50 -17.29 17.29
C GLY B 237 -2.76 -18.34 18.35
N ALA B 238 -2.09 -18.21 19.51
CA ALA B 238 -2.25 -19.17 20.59
C ALA B 238 -3.59 -19.03 21.29
N ALA B 239 -4.19 -17.85 21.24
CA ALA B 239 -5.51 -17.64 21.85
C ALA B 239 -6.61 -18.37 21.08
N PHE B 240 -6.46 -18.51 19.78
CA PHE B 240 -7.46 -19.12 18.90
C PHE B 240 -6.77 -20.20 18.09
N PRO B 241 -6.30 -21.27 18.74
CA PRO B 241 -5.37 -22.19 18.05
C PRO B 241 -6.02 -23.01 16.96
N LYS B 242 -7.35 -23.11 16.92
CA LYS B 242 -8.06 -23.91 15.94
C LYS B 242 -8.77 -23.05 14.92
N ALA B 243 -8.52 -21.73 14.93
CA ALA B 243 -9.09 -20.88 13.90
C ALA B 243 -8.28 -21.06 12.61
N SER B 244 -8.93 -21.49 11.55
CA SER B 244 -8.24 -21.73 10.28
C SER B 244 -8.40 -20.60 9.27
N MET B 245 -9.39 -19.74 9.45
CA MET B 245 -9.64 -18.56 8.62
C MET B 245 -9.31 -17.32 9.43
N ILE B 246 -8.27 -16.59 9.02
CA ILE B 246 -7.81 -15.42 9.75
C ILE B 246 -8.22 -14.19 8.94
N VAL B 247 -9.08 -13.35 9.55
CA VAL B 247 -9.60 -12.16 8.91
C VAL B 247 -8.80 -10.97 9.41
N MET B 248 -8.52 -10.02 8.54
CA MET B 248 -7.66 -8.91 8.90
C MET B 248 -8.12 -7.63 8.21
N SER B 249 -7.54 -6.49 8.61
CA SER B 249 -8.12 -5.22 8.16
C SER B 249 -7.87 -4.94 6.68
N HIS B 250 -6.73 -5.36 6.12
CA HIS B 250 -6.37 -4.81 4.81
C HIS B 250 -6.00 -5.87 3.79
N SER B 251 -6.39 -7.12 4.00
CA SER B 251 -6.25 -8.15 2.98
C SER B 251 -7.43 -9.10 3.11
N ALA B 252 -7.58 -9.96 2.09
CA ALA B 252 -8.62 -10.97 2.11
C ALA B 252 -8.33 -12.01 3.19
N PRO B 253 -9.36 -12.72 3.65
CA PRO B 253 -9.16 -13.74 4.68
C PRO B 253 -8.09 -14.73 4.21
N ASP B 254 -7.26 -15.15 5.15
CA ASP B 254 -6.08 -15.97 4.85
C ASP B 254 -6.01 -17.14 5.82
N SER B 255 -5.01 -18.01 5.60
CA SER B 255 -4.72 -19.13 6.47
C SER B 255 -3.97 -18.62 7.70
N ARG B 256 -3.64 -19.57 8.60
CA ARG B 256 -2.82 -19.21 9.76
C ARG B 256 -1.43 -18.72 9.39
N ALA B 257 -1.00 -18.89 8.13
CA ALA B 257 0.28 -18.34 7.72
C ALA B 257 0.32 -16.82 7.83
N ALA B 258 -0.84 -16.17 7.83
CA ALA B 258 -0.88 -14.74 8.10
C ALA B 258 -0.32 -14.45 9.49
N ILE B 259 -0.67 -15.26 10.47
CA ILE B 259 -0.15 -15.06 11.83
C ILE B 259 1.35 -15.33 11.87
N THR B 260 1.78 -16.46 11.32
CA THR B 260 3.17 -16.82 11.47
C THR B 260 4.05 -15.87 10.66
N HIS B 261 3.56 -15.42 9.50
CA HIS B 261 4.35 -14.51 8.68
C HIS B 261 4.44 -13.14 9.34
N THR B 262 3.33 -12.66 9.90
CA THR B 262 3.36 -11.40 10.64
C THR B 262 4.37 -11.46 11.77
N ALA B 263 4.34 -12.56 12.54
CA ALA B 263 5.30 -12.71 13.65
C ALA B 263 6.74 -12.75 13.14
N ARG B 264 6.97 -13.43 12.00
CA ARG B 264 8.33 -13.48 11.46
C ARG B 264 8.82 -12.09 11.07
N MET B 265 7.95 -11.29 10.45
CA MET B 265 8.36 -9.94 10.07
C MET B 265 8.64 -9.13 11.32
N ALA B 266 7.81 -9.29 12.35
CA ALA B 266 7.97 -8.57 13.61
C ALA B 266 9.23 -8.96 14.35
N ASP B 267 9.69 -10.22 14.21
CA ASP B 267 10.95 -10.66 14.83
C ASP B 267 12.09 -9.74 14.41
N LYS B 268 12.02 -9.20 13.17
CA LYS B 268 13.09 -8.35 12.64
C LYS B 268 13.11 -6.95 13.24
N LEU B 269 12.04 -6.53 13.90
CA LEU B 269 11.98 -5.19 14.48
C LEU B 269 12.76 -5.07 15.78
N ARG B 270 13.14 -6.19 16.40
CA ARG B 270 13.81 -6.15 17.69
C ARG B 270 15.29 -6.52 17.55
ZN ZN C . 2.23 7.88 -11.23
ZN ZN D . 4.46 5.28 -8.28
O1 ZZ7 E . 0.96 2.90 -8.25
C2 ZZ7 E . 1.88 3.72 -8.09
O2 ZZ7 E . 3.03 3.63 -8.57
C12 ZZ7 E . 1.55 4.99 -7.32
C6 ZZ7 E . 1.50 4.85 -5.78
C1 ZZ7 E . 2.76 4.28 -5.12
C16 ZZ7 E . 0.26 4.11 -5.28
S1 ZZ7 E . 1.32 6.63 -5.34
N3 ZZ7 E . 2.51 6.04 -7.66
C13 ZZ7 E . 2.34 7.18 -6.77
C14 ZZ7 E . 1.67 8.41 -7.53
C15 ZZ7 E . 0.51 8.01 -8.44
O4 ZZ7 E . 0.78 7.25 -9.39
N1 ZZ7 E . 1.19 9.33 -6.52
C3 ZZ7 E . 1.86 10.43 -6.14
O3 ZZ7 E . 2.96 10.74 -6.57
C4 ZZ7 E . 1.08 11.31 -5.16
N2 ZZ7 E . 1.73 12.57 -5.02
C5 ZZ7 E . 0.90 10.73 -3.78
C7 ZZ7 E . -0.13 11.19 -2.96
C8 ZZ7 E . -0.20 10.79 -1.64
C9 ZZ7 E . 0.73 9.93 -1.11
C10 ZZ7 E . 1.75 9.45 -1.91
C11 ZZ7 E . 1.83 9.84 -3.24
OXT ZZ7 E . -0.61 8.52 -8.24
H12 ZZ7 E . 0.66 5.26 -7.62
H3 ZZ7 E . 2.54 6.27 -8.50
H11C ZZ7 E . 3.54 4.83 -5.33
H12C ZZ7 E . 2.93 3.37 -5.44
H13C ZZ7 E . 2.65 4.25 -4.15
H161 ZZ7 E . 0.35 3.91 -4.33
H162 ZZ7 E . 0.16 3.27 -5.77
H163 ZZ7 E . -0.54 4.66 -5.42
H13 ZZ7 E . 3.15 7.53 -6.34
H14 ZZ7 E . 2.37 8.78 -8.10
H1 ZZ7 E . 0.41 9.12 -6.15
H4 ZZ7 E . 0.19 11.42 -5.56
H21N ZZ7 E . 1.18 13.26 -4.93
H22N ZZ7 E . 2.61 12.54 -5.05
H7 ZZ7 E . -0.80 11.79 -3.33
H11 ZZ7 E . 2.54 9.47 -3.79
H8 ZZ7 E . -0.94 11.13 -1.08
H9 ZZ7 E . 0.68 9.66 -0.17
H10 ZZ7 E . 2.43 8.84 -1.54
NA NA F . -3.69 13.31 -12.22
ZN ZN G . -4.31 1.44 13.41
ZN ZN H . -5.33 -0.51 9.47
O1 ZZ7 I . -1.15 -0.86 8.92
C2 ZZ7 I . -2.37 -0.54 8.99
O2 ZZ7 I . -3.31 -1.32 9.22
C12 ZZ7 I . -2.69 0.93 8.80
C6 ZZ7 I . -2.68 1.43 7.34
C1 ZZ7 I . -3.59 0.66 6.38
C16 ZZ7 I . -1.28 1.55 6.76
S1 ZZ7 I . -3.36 3.12 7.61
N3 ZZ7 I . -4.00 1.22 9.40
C13 ZZ7 I . -4.43 2.55 8.99
C14 ZZ7 I . -4.37 3.54 10.23
C15 ZZ7 I . -3.13 3.44 11.13
O4 ZZ7 I . -2.94 2.34 11.68
N1 ZZ7 I . -4.42 4.88 9.65
C3 ZZ7 I . -5.51 5.64 9.63
O3 ZZ7 I . -6.63 5.24 9.98
C4 ZZ7 I . -5.23 7.08 9.23
N2 ZZ7 I . -6.29 7.96 9.63
C5 ZZ7 I . -4.91 7.28 7.76
C7 ZZ7 I . -4.29 8.45 7.35
C8 ZZ7 I . -3.95 8.64 6.02
C9 ZZ7 I . -4.24 7.67 5.08
C10 ZZ7 I . -4.87 6.51 5.48
C11 ZZ7 I . -5.20 6.32 6.81
OXT ZZ7 I . -2.43 4.46 11.28
H12 ZZ7 I . -2.01 1.43 9.30
H3 ZZ7 I . -4.06 1.07 10.27
H11C ZZ7 I . -4.53 0.73 6.67
H12C ZZ7 I . -3.34 -0.28 6.35
H13C ZZ7 I . -3.53 1.03 5.47
H161 ZZ7 I . -1.31 1.95 5.86
H162 ZZ7 I . -0.86 0.67 6.70
H163 ZZ7 I . -0.72 2.12 7.34
H13 ZZ7 I . -5.33 2.62 8.62
H14 ZZ7 I . -5.12 3.29 10.81
H1 ZZ7 I . -3.66 5.16 9.30
H4 ZZ7 I . -4.43 7.36 9.73
H21N ZZ7 I . -7.04 7.88 9.17
H22N ZZ7 I . -6.10 8.49 10.31
H7 ZZ7 I . -4.09 9.15 8.00
H11 ZZ7 I . -5.64 5.48 7.08
H8 ZZ7 I . -3.51 9.47 5.74
H9 ZZ7 I . -4.00 7.80 4.14
H10 ZZ7 I . -5.08 5.81 4.83
#